data_5OIX
#
_entry.id   5OIX
#
_cell.length_a   29.000
_cell.length_b   110.440
_cell.length_c   38.730
_cell.angle_alpha   90.00
_cell.angle_beta   95.62
_cell.angle_gamma   90.00
#
_symmetry.space_group_name_H-M   'P 1 21 1'
#
loop_
_entity.id
_entity.type
_entity.pdbx_description
1 polymer Phosphoprotein
2 non-polymer GLYCEROL
3 water water
#
_entity_poly.entity_id   1
_entity_poly.type   'polypeptide(L)'
_entity_poly.pdbx_seq_one_letter_code
;HHHHHHLEVLFQGPMKYTKLEKDALDLLSDNEEEDAESSILTFEERDTSSLSIEARLESIEEKLSMILGLLRTLNIATAG
PTAARDGIRDAMIGVREELIADIIKEAKGKAAEMMEEE
;
_entity_poly.pdbx_strand_id   A,B,C,D,E,F,G,H
#
loop_
_chem_comp.id
_chem_comp.type
_chem_comp.name
_chem_comp.formula
GOL non-polymer GLYCEROL 'C3 H8 O3'
#
# COMPACT_ATOMS: atom_id res chain seq x y z
N SER A 50 21.37 20.26 20.30
CA SER A 50 20.23 20.94 20.89
C SER A 50 19.19 19.93 21.40
N LEU A 51 18.34 19.44 20.50
CA LEU A 51 17.36 18.45 20.90
C LEU A 51 18.01 17.15 21.32
N SER A 52 17.44 16.53 22.35
CA SER A 52 17.78 15.18 22.72
C SER A 52 17.28 14.21 21.65
N ILE A 53 17.85 13.02 21.61
CA ILE A 53 17.36 12.03 20.65
C ILE A 53 15.87 11.77 20.85
N GLU A 54 15.43 11.69 22.10
CA GLU A 54 14.02 11.41 22.39
C GLU A 54 13.11 12.53 21.92
N ALA A 55 13.54 13.80 22.07
CA ALA A 55 12.71 14.90 21.58
C ALA A 55 12.63 14.87 20.05
N ARG A 56 13.73 14.54 19.37
CA ARG A 56 13.65 14.42 17.92
C ARG A 56 12.74 13.28 17.51
N LEU A 57 12.78 12.15 18.23
CA LEU A 57 11.89 11.04 17.90
C LEU A 57 10.42 11.43 18.09
N GLU A 58 10.13 12.19 19.15
CA GLU A 58 8.75 12.64 19.37
C GLU A 58 8.26 13.48 18.19
N SER A 59 9.12 14.37 17.69
CA SER A 59 8.73 15.20 16.56
C SER A 59 8.53 14.36 15.30
N ILE A 60 9.41 13.40 15.08
CA ILE A 60 9.28 12.52 13.92
C ILE A 60 7.98 11.73 14.00
N GLU A 61 7.65 11.24 15.19
CA GLU A 61 6.42 10.46 15.35
C GLU A 61 5.19 11.29 15.08
N GLU A 62 5.17 12.55 15.56
CA GLU A 62 4.01 13.40 15.29
C GLU A 62 3.87 13.73 13.82
N LYS A 63 4.99 13.98 13.14
CA LYS A 63 4.91 14.24 11.71
C LYS A 63 4.38 13.03 10.96
N LEU A 64 4.79 11.82 11.38
CA LEU A 64 4.25 10.61 10.75
C LEU A 64 2.75 10.48 10.93
N SER A 65 2.24 10.81 12.12
CA SER A 65 0.80 10.78 12.34
C SER A 65 0.08 11.78 11.44
N MET A 66 0.63 12.98 11.28
CA MET A 66 0.02 13.97 10.38
C MET A 66 0.03 13.46 8.94
N ILE A 67 1.14 12.85 8.52
CA ILE A 67 1.24 12.35 7.14
C ILE A 67 0.20 11.27 6.89
N LEU A 68 0.12 10.28 7.79
CA LEU A 68 -0.85 9.19 7.63
C LEU A 68 -2.27 9.72 7.63
N GLY A 69 -2.55 10.70 8.48
CA GLY A 69 -3.89 11.29 8.50
C GLY A 69 -4.24 11.93 7.18
N LEU A 70 -3.29 12.63 6.56
CA LEU A 70 -3.55 13.25 5.27
C LEU A 70 -3.74 12.18 4.19
N LEU A 71 -2.98 11.08 4.25
CA LEU A 71 -3.13 10.06 3.22
C LEU A 71 -4.54 9.47 3.20
N ARG A 72 -5.16 9.24 4.36
CA ARG A 72 -6.50 8.68 4.28
C ARG A 72 -7.52 9.68 3.74
N THR A 73 -7.26 10.98 3.84
CA THR A 73 -8.23 11.99 3.44
C THR A 73 -7.90 12.65 2.12
N LEU A 74 -6.86 12.19 1.43
CA LEU A 74 -6.49 12.72 0.13
C LEU A 74 -7.59 12.49 -0.89
N ASN A 75 -7.71 13.42 -1.83
CA ASN A 75 -8.74 13.40 -2.87
C ASN A 75 -10.14 13.33 -2.29
N LEU B 51 27.74 10.01 9.66
CA LEU B 51 26.91 10.97 10.37
C LEU B 51 26.52 10.40 11.73
N SER B 52 26.43 11.28 12.73
CA SER B 52 25.93 10.85 14.02
C SER B 52 24.46 10.49 13.91
N ILE B 53 24.00 9.70 14.86
CA ILE B 53 22.57 9.36 14.90
C ILE B 53 21.74 10.62 15.05
N GLU B 54 22.20 11.58 15.85
CA GLU B 54 21.46 12.82 16.03
C GLU B 54 21.35 13.60 14.72
N ALA B 55 22.42 13.65 13.93
CA ALA B 55 22.36 14.32 12.64
C ALA B 55 21.46 13.57 11.68
N ARG B 56 21.50 12.24 11.71
CA ARG B 56 20.62 11.46 10.85
C ARG B 56 19.15 11.66 11.21
N LEU B 57 18.82 11.72 12.50
CA LEU B 57 17.44 11.96 12.90
C LEU B 57 16.99 13.38 12.52
N GLU B 58 17.88 14.36 12.62
CA GLU B 58 17.51 15.70 12.20
C GLU B 58 17.17 15.72 10.71
N SER B 59 17.99 15.03 9.90
CA SER B 59 17.71 14.96 8.46
C SER B 59 16.40 14.23 8.20
N ILE B 60 16.13 13.17 8.95
CA ILE B 60 14.86 12.43 8.78
C ILE B 60 13.68 13.36 9.08
N GLU B 61 13.81 14.17 10.12
CA GLU B 61 12.74 15.11 10.47
C GLU B 61 12.53 16.11 9.34
N GLU B 62 13.63 16.60 8.75
CA GLU B 62 13.52 17.54 7.63
C GLU B 62 12.82 16.88 6.43
N LYS B 63 13.18 15.63 6.13
CA LYS B 63 12.52 14.95 5.00
C LYS B 63 11.03 14.78 5.26
N LEU B 64 10.66 14.49 6.50
CA LEU B 64 9.24 14.35 6.84
C LEU B 64 8.49 15.66 6.66
N SER B 65 9.12 16.79 7.01
CA SER B 65 8.50 18.09 6.77
C SER B 65 8.30 18.31 5.26
N MET B 66 9.29 17.92 4.45
CA MET B 66 9.14 18.05 3.01
C MET B 66 8.02 17.17 2.47
N ILE B 67 7.93 15.94 2.98
CA ILE B 67 6.85 15.02 2.60
C ILE B 67 5.50 15.63 2.92
N LEU B 68 5.38 16.24 4.11
CA LEU B 68 4.12 16.90 4.46
C LEU B 68 3.78 18.01 3.46
N GLY B 69 4.78 18.80 3.06
CA GLY B 69 4.53 19.85 2.08
C GLY B 69 4.06 19.31 0.73
N LEU B 70 4.68 18.22 0.26
CA LEU B 70 4.31 17.63 -1.02
C LEU B 70 2.92 17.03 -0.97
N LEU B 71 2.56 16.40 0.17
CA LEU B 71 1.21 15.86 0.32
C LEU B 71 0.16 16.95 0.35
N ARG B 72 0.46 18.09 1.01
CA ARG B 72 -0.50 19.18 1.06
C ARG B 72 -0.75 19.76 -0.32
N THR B 73 0.30 19.89 -1.15
CA THR B 73 0.07 20.38 -2.50
CA THR B 73 0.12 20.36 -2.51
C THR B 73 -0.65 19.35 -3.35
N LEU B 74 -0.47 18.06 -3.08
CA LEU B 74 -1.12 17.04 -3.89
C LEU B 74 -2.63 17.02 -3.64
N ASN B 75 -3.05 17.49 -2.47
CA ASN B 75 -4.44 17.47 -2.08
C ASN B 75 -5.18 18.72 -2.56
N SER C 50 16.78 -7.74 16.45
CA SER C 50 17.97 -7.20 17.09
C SER C 50 18.85 -6.46 16.08
N LEU C 51 18.20 -5.84 15.09
CA LEU C 51 18.89 -4.99 14.14
C LEU C 51 19.55 -3.83 14.86
N SER C 52 20.75 -3.44 14.42
CA SER C 52 21.40 -2.27 15.01
C SER C 52 20.63 -1.00 14.66
N ILE C 53 20.84 0.03 15.47
CA ILE C 53 20.19 1.33 15.23
C ILE C 53 20.61 1.88 13.88
N GLU C 54 21.89 1.73 13.54
CA GLU C 54 22.37 2.27 12.28
C GLU C 54 21.74 1.55 11.09
N ALA C 55 21.54 0.22 11.19
CA ALA C 55 20.87 -0.50 10.11
C ALA C 55 19.41 -0.09 10.01
N ARG C 56 18.76 0.15 11.14
CA ARG C 56 17.38 0.63 11.10
C ARG C 56 17.31 2.01 10.48
N LEU C 57 18.25 2.89 10.81
CA LEU C 57 18.26 4.21 10.19
C LEU C 57 18.47 4.11 8.69
N GLU C 58 19.34 3.18 8.24
CA GLU C 58 19.56 3.02 6.80
C GLU C 58 18.28 2.63 6.07
N SER C 59 17.50 1.72 6.66
CA SER C 59 16.22 1.34 6.08
C SER C 59 15.25 2.51 6.04
N ILE C 60 15.17 3.26 7.14
CA ILE C 60 14.29 4.42 7.22
C ILE C 60 14.67 5.46 6.16
N GLU C 61 15.97 5.72 6.01
CA GLU C 61 16.46 6.69 5.02
C GLU C 61 16.12 6.26 3.60
N GLU C 62 16.26 4.97 3.29
CA GLU C 62 15.88 4.48 1.95
C GLU C 62 14.40 4.64 1.70
N LYS C 63 13.57 4.31 2.70
CA LYS C 63 12.13 4.47 2.49
C LYS C 63 11.75 5.95 2.30
N LEU C 64 12.39 6.86 3.06
CA LEU C 64 12.12 8.29 2.91
C LEU C 64 12.48 8.77 1.52
N SER C 65 13.60 8.29 1.00
CA SER C 65 14.03 8.68 -0.33
C SER C 65 13.01 8.22 -1.38
N MET C 66 12.52 6.99 -1.25
CA MET C 66 11.51 6.52 -2.19
C MET C 66 10.19 7.29 -2.06
N ILE C 67 9.81 7.62 -0.83
CA ILE C 67 8.57 8.37 -0.62
C ILE C 67 8.67 9.75 -1.25
N LEU C 68 9.80 10.43 -1.03
CA LEU C 68 9.99 11.76 -1.61
C LEU C 68 9.97 11.71 -3.12
N GLY C 69 10.67 10.74 -3.72
CA GLY C 69 10.67 10.62 -5.17
C GLY C 69 9.28 10.35 -5.72
N LEU C 70 8.51 9.51 -5.04
CA LEU C 70 7.16 9.20 -5.50
C LEU C 70 6.24 10.40 -5.35
N LEU C 71 6.33 11.12 -4.23
CA LEU C 71 5.49 12.31 -4.05
C LEU C 71 5.83 13.40 -5.04
N ARG C 72 7.12 13.56 -5.38
CA ARG C 72 7.44 14.55 -6.40
C ARG C 72 6.85 14.12 -7.73
N THR C 73 6.95 12.82 -8.06
CA THR C 73 6.36 12.33 -9.31
C THR C 73 4.85 12.57 -9.35
N LEU C 74 4.17 12.33 -8.22
CA LEU C 74 2.72 12.54 -8.18
C LEU C 74 2.35 14.00 -8.34
N ASN C 75 3.23 14.91 -7.95
CA ASN C 75 3.00 16.35 -8.03
C ASN C 75 3.31 16.95 -9.40
N ILE C 76 3.82 16.17 -10.35
CA ILE C 76 4.15 16.73 -11.66
C ILE C 76 2.87 17.12 -12.38
N ALA C 77 2.87 18.31 -12.99
CA ALA C 77 1.68 18.83 -13.65
C ALA C 77 1.47 18.15 -14.99
N LEU D 51 9.07 3.59 25.71
CA LEU D 51 9.63 2.70 24.70
C LEU D 51 11.09 3.03 24.46
N SER D 52 11.89 2.01 24.19
CA SER D 52 13.29 2.21 23.88
C SER D 52 13.45 2.89 22.54
N ILE D 53 14.61 3.52 22.35
CA ILE D 53 14.89 4.15 21.06
C ILE D 53 14.79 3.14 19.95
N GLU D 54 15.27 1.92 20.18
CA GLU D 54 15.23 0.90 19.13
C GLU D 54 13.80 0.53 18.75
N ALA D 55 12.94 0.38 19.75
CA ALA D 55 11.54 0.05 19.49
C ALA D 55 10.84 1.20 18.76
N ARG D 56 11.15 2.43 19.14
CA ARG D 56 10.55 3.58 18.48
C ARG D 56 10.98 3.67 17.02
N LEU D 57 12.26 3.42 16.75
CA LEU D 57 12.72 3.44 15.35
C LEU D 57 12.08 2.31 14.55
N GLU D 58 11.88 1.14 15.16
CA GLU D 58 11.21 0.05 14.47
C GLU D 58 9.79 0.44 14.09
N SER D 59 9.08 1.13 14.97
CA SER D 59 7.73 1.57 14.66
C SER D 59 7.72 2.62 13.55
N ILE D 60 8.69 3.53 13.58
CA ILE D 60 8.83 4.53 12.54
C ILE D 60 9.04 3.87 11.18
N GLU D 61 9.89 2.84 11.16
CA GLU D 61 10.12 2.12 9.90
C GLU D 61 8.84 1.48 9.40
N GLU D 62 8.04 0.89 10.30
CA GLU D 62 6.79 0.26 9.90
C GLU D 62 5.81 1.27 9.32
N LYS D 63 5.71 2.45 9.95
CA LYS D 63 4.83 3.48 9.41
C LYS D 63 5.30 3.97 8.05
N LEU D 64 6.62 4.09 7.86
CA LEU D 64 7.13 4.49 6.55
C LEU D 64 6.83 3.43 5.49
N SER D 65 6.94 2.14 5.85
CA SER D 65 6.58 1.07 4.91
C SER D 65 5.12 1.18 4.49
N MET D 66 4.25 1.45 5.45
CA MET D 66 2.82 1.64 5.17
CA MET D 66 2.83 1.60 5.14
C MET D 66 2.60 2.81 4.23
N ILE D 67 3.20 3.96 4.57
CA ILE D 67 3.05 5.17 3.76
C ILE D 67 3.51 4.92 2.32
N LEU D 68 4.67 4.27 2.17
CA LEU D 68 5.17 3.98 0.83
C LEU D 68 4.24 3.05 0.07
N GLY D 69 3.69 2.04 0.76
CA GLY D 69 2.77 1.14 0.09
C GLY D 69 1.52 1.86 -0.38
N LEU D 70 1.00 2.78 0.44
CA LEU D 70 -0.20 3.51 0.05
C LEU D 70 0.06 4.42 -1.13
N LEU D 71 1.20 5.11 -1.13
CA LEU D 71 1.51 6.01 -2.23
C LEU D 71 1.65 5.28 -3.55
N ARG D 72 2.23 4.07 -3.52
CA ARG D 72 2.41 3.29 -4.74
C ARG D 72 1.10 2.83 -5.36
N THR D 73 -0.01 2.83 -4.62
CA THR D 73 -1.28 2.46 -5.24
C THR D 73 -1.94 3.62 -5.98
N LEU D 74 -1.41 4.83 -5.86
CA LEU D 74 -2.06 5.99 -6.46
C LEU D 74 -1.74 6.11 -7.96
N SER E 50 -23.60 -14.06 -19.59
CA SER E 50 -23.56 -13.68 -21.01
C SER E 50 -22.70 -12.44 -21.24
N LEU E 51 -21.94 -12.04 -20.23
CA LEU E 51 -20.97 -10.97 -20.43
C LEU E 51 -19.85 -11.42 -21.35
N SER E 52 -19.37 -10.49 -22.19
CA SER E 52 -18.15 -10.72 -22.93
C SER E 52 -16.95 -10.76 -21.98
N ILE E 53 -15.84 -11.32 -22.45
CA ILE E 53 -14.64 -11.33 -21.63
C ILE E 53 -14.22 -9.91 -21.27
N GLU E 54 -14.31 -9.00 -22.24
CA GLU E 54 -13.91 -7.61 -22.00
C GLU E 54 -14.82 -6.93 -20.98
N ALA E 55 -16.14 -7.22 -21.03
CA ALA E 55 -17.04 -6.65 -20.04
C ALA E 55 -16.72 -7.19 -18.64
N ARG E 56 -16.37 -8.48 -18.54
CA ARG E 56 -16.00 -9.03 -17.25
C ARG E 56 -14.70 -8.40 -16.75
N LEU E 57 -13.71 -8.19 -17.64
CA LEU E 57 -12.47 -7.54 -17.20
C LEU E 57 -12.72 -6.12 -16.72
N GLU E 58 -13.60 -5.38 -17.40
CA GLU E 58 -13.92 -4.01 -16.98
C GLU E 58 -14.48 -4.02 -15.56
N SER E 59 -15.35 -4.96 -15.27
CA SER E 59 -15.94 -5.03 -13.93
C SER E 59 -14.89 -5.38 -12.89
N ILE E 60 -14.01 -6.34 -13.22
CA ILE E 60 -12.94 -6.72 -12.30
C ILE E 60 -12.03 -5.53 -12.04
N GLU E 61 -11.68 -4.79 -13.09
CA GLU E 61 -10.80 -3.64 -12.96
C GLU E 61 -11.41 -2.56 -12.07
N GLU E 62 -12.71 -2.30 -12.22
CA GLU E 62 -13.34 -1.31 -11.36
C GLU E 62 -13.39 -1.76 -9.91
N LYS E 63 -13.67 -3.04 -9.67
CA LYS E 63 -13.68 -3.52 -8.29
C LYS E 63 -12.30 -3.42 -7.65
N LEU E 64 -11.24 -3.72 -8.42
CA LEU E 64 -9.89 -3.58 -7.86
C LEU E 64 -9.58 -2.14 -7.50
N SER E 65 -9.99 -1.20 -8.35
CA SER E 65 -9.81 0.21 -8.05
C SER E 65 -10.57 0.61 -6.78
N MET E 66 -11.79 0.12 -6.61
CA MET E 66 -12.56 0.47 -5.41
C MET E 66 -11.96 -0.18 -4.17
N ILE E 67 -11.42 -1.41 -4.29
CA ILE E 67 -10.74 -2.05 -3.16
C ILE E 67 -9.52 -1.25 -2.74
N LEU E 68 -8.70 -0.83 -3.72
CA LEU E 68 -7.47 -0.10 -3.38
C LEU E 68 -7.78 1.21 -2.68
N GLY E 69 -8.80 1.94 -3.18
CA GLY E 69 -9.18 3.18 -2.55
C GLY E 69 -9.67 2.96 -1.13
N LEU E 70 -10.44 1.90 -0.93
CA LEU E 70 -10.96 1.60 0.40
C LEU E 70 -9.83 1.19 1.36
N LEU E 71 -8.84 0.44 0.87
CA LEU E 71 -7.71 0.09 1.75
C LEU E 71 -6.94 1.33 2.17
N ARG E 72 -6.84 2.34 1.31
CA ARG E 72 -6.15 3.57 1.68
C ARG E 72 -6.90 4.32 2.79
N THR E 73 -8.23 4.43 2.68
CA THR E 73 -9.01 5.12 3.70
C THR E 73 -9.16 4.29 4.96
N LEU E 74 -8.77 3.01 4.94
CA LEU E 74 -8.76 2.18 6.14
C LEU E 74 -7.41 2.11 6.82
N ASN E 75 -6.32 1.88 6.07
CA ASN E 75 -5.02 1.86 6.72
C ASN E 75 -4.24 3.13 6.40
N SER F 50 -9.30 -27.04 -16.94
CA SER F 50 -10.62 -27.61 -16.71
C SER F 50 -11.71 -26.58 -16.93
N LEU F 51 -11.59 -25.44 -16.24
CA LEU F 51 -12.56 -24.37 -16.36
C LEU F 51 -12.20 -23.49 -17.54
N SER F 52 -13.24 -22.96 -18.21
CA SER F 52 -13.00 -21.98 -19.26
C SER F 52 -12.47 -20.69 -18.67
N ILE F 53 -11.81 -19.90 -19.53
CA ILE F 53 -11.34 -18.58 -19.13
C ILE F 53 -12.48 -17.71 -18.65
N GLU F 54 -13.63 -17.79 -19.32
CA GLU F 54 -14.78 -16.98 -18.92
C GLU F 54 -15.26 -17.37 -17.53
N ALA F 55 -15.33 -18.68 -17.25
CA ALA F 55 -15.75 -19.13 -15.92
C ALA F 55 -14.73 -18.74 -14.87
N ARG F 56 -13.43 -18.79 -15.21
CA ARG F 56 -12.41 -18.40 -14.24
C ARG F 56 -12.53 -16.92 -13.92
N LEU F 57 -12.77 -16.08 -14.93
CA LEU F 57 -12.97 -14.66 -14.70
C LEU F 57 -14.23 -14.39 -13.90
N GLU F 58 -15.30 -15.16 -14.14
CA GLU F 58 -16.52 -14.97 -13.34
C GLU F 58 -16.23 -15.27 -11.87
N SER F 59 -15.46 -16.32 -11.60
CA SER F 59 -15.14 -16.65 -10.21
C SER F 59 -14.29 -15.55 -9.58
N ILE F 60 -13.35 -15.00 -10.35
CA ILE F 60 -12.49 -13.92 -9.86
C ILE F 60 -13.34 -12.70 -9.53
N GLU F 61 -14.32 -12.37 -10.41
CA GLU F 61 -15.17 -11.22 -10.15
C GLU F 61 -15.98 -11.43 -8.88
N GLU F 62 -16.50 -12.65 -8.69
CA GLU F 62 -17.28 -12.95 -7.49
C GLU F 62 -16.45 -12.81 -6.23
N LYS F 63 -15.19 -13.29 -6.25
CA LYS F 63 -14.34 -13.15 -5.07
C LYS F 63 -14.03 -11.69 -4.78
N LEU F 64 -13.79 -10.88 -5.81
CA LEU F 64 -13.56 -9.46 -5.60
C LEU F 64 -14.80 -8.75 -5.07
N SER F 65 -15.99 -9.13 -5.55
CA SER F 65 -17.20 -8.54 -4.98
C SER F 65 -17.30 -8.83 -3.50
N MET F 66 -16.93 -10.05 -3.10
CA MET F 66 -16.95 -10.39 -1.68
C MET F 66 -15.92 -9.59 -0.90
N ILE F 67 -14.68 -9.51 -1.41
CA ILE F 67 -13.63 -8.76 -0.73
C ILE F 67 -14.07 -7.31 -0.53
N LEU F 68 -14.58 -6.69 -1.59
CA LEU F 68 -15.03 -5.30 -1.50
C LEU F 68 -16.17 -5.15 -0.50
N GLY F 69 -17.12 -6.09 -0.53
CA GLY F 69 -18.23 -6.03 0.41
C GLY F 69 -17.77 -6.16 1.84
N LEU F 70 -16.81 -7.06 2.09
CA LEU F 70 -16.31 -7.27 3.45
C LEU F 70 -15.58 -6.04 3.96
N LEU F 71 -14.78 -5.42 3.09
CA LEU F 71 -14.04 -4.22 3.49
C LEU F 71 -14.99 -3.10 3.85
N ARG F 72 -16.11 -3.00 3.10
CA ARG F 72 -17.10 -1.97 3.40
C ARG F 72 -17.76 -2.17 4.76
N THR F 73 -17.81 -3.41 5.29
CA THR F 73 -18.37 -3.58 6.63
C THR F 73 -17.46 -3.02 7.72
N LEU F 74 -16.21 -2.71 7.40
CA LEU F 74 -15.34 -2.13 8.39
C LEU F 74 -15.75 -0.71 8.75
N ASN F 75 -16.60 -0.08 7.92
CA ASN F 75 -17.20 1.20 8.26
C ASN F 75 -18.40 1.07 9.20
N ILE F 76 -18.86 -0.16 9.49
CA ILE F 76 -19.95 -0.36 10.43
C ILE F 76 -19.50 0.00 11.84
N SER G 50 5.13 -12.65 -21.37
CA SER G 50 5.22 -13.81 -22.25
C SER G 50 4.26 -14.92 -21.83
N LEU G 51 3.77 -14.85 -20.60
CA LEU G 51 2.93 -15.92 -20.07
C LEU G 51 1.66 -16.08 -20.89
N SER G 52 1.22 -17.33 -21.00
CA SER G 52 -0.07 -17.62 -21.57
C SER G 52 -1.17 -17.03 -20.70
N ILE G 53 -2.34 -16.85 -21.29
CA ILE G 53 -3.46 -16.34 -20.50
C ILE G 53 -3.76 -17.28 -19.34
N GLU G 54 -3.66 -18.59 -19.58
CA GLU G 54 -3.95 -19.55 -18.53
C GLU G 54 -2.95 -19.46 -17.38
N ALA G 55 -1.66 -19.28 -17.69
CA ALA G 55 -0.67 -19.13 -16.62
C ALA G 55 -0.92 -17.85 -15.82
N ARG G 56 -1.30 -16.77 -16.51
CA ARG G 56 -1.61 -15.54 -15.81
C ARG G 56 -2.82 -15.71 -14.91
N LEU G 57 -3.86 -16.41 -15.38
CA LEU G 57 -5.02 -16.62 -14.51
C LEU G 57 -4.64 -17.46 -13.30
N GLU G 58 -3.77 -18.46 -13.49
CA GLU G 58 -3.28 -19.26 -12.38
C GLU G 58 -2.59 -18.37 -11.35
N SER G 59 -1.78 -17.42 -11.81
CA SER G 59 -1.11 -16.50 -10.88
C SER G 59 -2.10 -15.58 -10.19
N ILE G 60 -3.08 -15.06 -10.95
CA ILE G 60 -4.10 -14.21 -10.36
C ILE G 60 -4.89 -14.96 -9.30
N GLU G 61 -5.23 -16.21 -9.60
CA GLU G 61 -6.01 -17.03 -8.69
C GLU G 61 -5.24 -17.32 -7.40
N GLU G 62 -3.94 -17.59 -7.52
CA GLU G 62 -3.16 -17.83 -6.30
C GLU G 62 -3.09 -16.55 -5.46
N LYS G 63 -2.93 -15.38 -6.10
CA LYS G 63 -2.92 -14.14 -5.32
C LYS G 63 -4.25 -13.88 -4.63
N LEU G 64 -5.38 -14.18 -5.30
CA LEU G 64 -6.67 -14.05 -4.62
C LEU G 64 -6.77 -15.01 -3.45
N SER G 65 -6.24 -16.22 -3.60
CA SER G 65 -6.24 -17.17 -2.49
C SER G 65 -5.48 -16.62 -1.30
N MET G 66 -4.34 -15.98 -1.56
CA MET G 66 -3.54 -15.41 -0.48
C MET G 66 -4.22 -14.19 0.15
N ILE G 67 -4.86 -13.35 -0.67
CA ILE G 67 -5.61 -12.21 -0.15
C ILE G 67 -6.71 -12.68 0.78
N LEU G 68 -7.48 -13.68 0.34
CA LEU G 68 -8.55 -14.22 1.17
C LEU G 68 -7.98 -14.84 2.45
N GLY G 69 -6.83 -15.51 2.35
CA GLY G 69 -6.23 -16.06 3.55
C GLY G 69 -5.86 -14.99 4.56
N LEU G 70 -5.30 -13.87 4.09
CA LEU G 70 -4.98 -12.77 5.00
C LEU G 70 -6.24 -12.14 5.55
N LEU G 71 -7.30 -12.05 4.75
CA LEU G 71 -8.55 -11.49 5.24
C LEU G 71 -9.11 -12.34 6.38
N ARG G 72 -8.94 -13.65 6.31
CA ARG G 72 -9.38 -14.52 7.41
C ARG G 72 -8.52 -14.28 8.66
N THR G 73 -7.21 -14.16 8.49
CA THR G 73 -6.34 -13.91 9.66
C THR G 73 -6.66 -12.58 10.32
N LEU G 74 -7.07 -11.60 9.53
CA LEU G 74 -7.46 -10.29 10.05
C LEU G 74 -8.91 -10.27 10.54
N ASN G 75 -9.58 -11.43 10.56
CA ASN G 75 -10.94 -11.57 11.09
C ASN G 75 -11.98 -10.84 10.24
N ILE G 76 -11.74 -10.77 8.92
CA ILE G 76 -12.62 -10.05 8.02
C ILE G 76 -13.43 -10.99 7.14
N ALA G 77 -12.84 -12.10 6.69
CA ALA G 77 -13.47 -13.02 5.76
C ALA G 77 -13.76 -14.36 6.41
N THR G 78 -14.64 -15.13 5.77
CA THR G 78 -14.95 -16.49 6.19
C THR G 78 -13.83 -17.43 5.75
N LEU H 51 -6.44 -1.83 -24.85
CA LEU H 51 -5.49 -2.79 -24.32
C LEU H 51 -5.95 -4.22 -24.63
N SER H 52 -4.99 -5.11 -24.92
CA SER H 52 -5.30 -6.52 -25.12
C SER H 52 -5.74 -7.18 -23.82
N ILE H 53 -6.43 -8.31 -23.96
CA ILE H 53 -6.82 -9.08 -22.79
C ILE H 53 -5.59 -9.47 -21.98
N GLU H 54 -4.50 -9.82 -22.67
CA GLU H 54 -3.27 -10.18 -21.97
C GLU H 54 -2.71 -9.01 -21.17
N ALA H 55 -2.71 -7.82 -21.76
CA ALA H 55 -2.21 -6.64 -21.05
C ALA H 55 -3.12 -6.30 -19.86
N ARG H 56 -4.43 -6.45 -20.02
CA ARG H 56 -5.34 -6.18 -18.91
C ARG H 56 -5.14 -7.15 -17.76
N LEU H 57 -4.91 -8.42 -18.07
CA LEU H 57 -4.67 -9.40 -17.02
C LEU H 57 -3.35 -9.11 -16.30
N GLU H 58 -2.32 -8.67 -17.02
CA GLU H 58 -1.07 -8.31 -16.35
C GLU H 58 -1.29 -7.19 -15.34
N SER H 59 -2.08 -6.19 -15.73
CA SER H 59 -2.40 -5.07 -14.85
C SER H 59 -3.25 -5.53 -13.66
N ILE H 60 -4.19 -6.45 -13.91
CA ILE H 60 -5.01 -6.97 -12.80
C ILE H 60 -4.13 -7.67 -11.77
N GLU H 61 -3.18 -8.49 -12.24
CA GLU H 61 -2.26 -9.19 -11.34
C GLU H 61 -1.44 -8.19 -10.54
N GLU H 62 -1.00 -7.10 -11.17
CA GLU H 62 -0.22 -6.07 -10.48
C GLU H 62 -1.06 -5.41 -9.38
N LYS H 63 -2.33 -5.11 -9.67
CA LYS H 63 -3.19 -4.55 -8.64
C LYS H 63 -3.42 -5.55 -7.50
N LEU H 64 -3.56 -6.83 -7.82
CA LEU H 64 -3.70 -7.82 -6.76
C LEU H 64 -2.47 -7.88 -5.89
N SER H 65 -1.28 -7.76 -6.50
CA SER H 65 -0.06 -7.71 -5.70
C SER H 65 -0.07 -6.52 -4.75
N MET H 66 -0.55 -5.37 -5.23
CA MET H 66 -0.62 -4.19 -4.38
C MET H 66 -1.57 -4.40 -3.22
N ILE H 67 -2.75 -4.96 -3.50
CA ILE H 67 -3.71 -5.26 -2.45
C ILE H 67 -3.10 -6.19 -1.40
N LEU H 68 -2.39 -7.22 -1.85
CA LEU H 68 -1.78 -8.15 -0.91
C LEU H 68 -0.76 -7.45 -0.03
N GLY H 69 0.05 -6.57 -0.62
CA GLY H 69 1.05 -5.84 0.16
C GLY H 69 0.42 -4.94 1.20
N LEU H 70 -0.69 -4.27 0.83
CA LEU H 70 -1.35 -3.39 1.78
C LEU H 70 -1.95 -4.17 2.94
N LEU H 71 -2.51 -5.34 2.67
CA LEU H 71 -3.06 -6.17 3.74
C LEU H 71 -1.97 -6.61 4.69
N ARG H 72 -0.78 -6.90 4.15
CA ARG H 72 0.35 -7.34 4.98
C ARG H 72 0.85 -6.24 5.90
N THR H 73 0.90 -4.99 5.42
CA THR H 73 1.40 -3.92 6.29
C THR H 73 0.45 -3.63 7.44
N LEU H 74 -0.75 -4.21 7.42
CA LEU H 74 -1.71 -4.02 8.50
C LEU H 74 -1.27 -4.65 9.83
C1 GOL I . 5.17 18.61 13.88
O1 GOL I . 5.82 19.59 13.11
C2 GOL I . 6.12 18.10 14.96
O2 GOL I . 7.41 18.66 14.79
C3 GOL I . 5.59 18.52 16.33
O3 GOL I . 6.20 17.71 17.31
#